data_6IHD
#
_entry.id   6IHD
#
_cell.length_a   87.900
_cell.length_b   87.900
_cell.length_c   231.146
_cell.angle_alpha   90.000
_cell.angle_beta   90.000
_cell.angle_gamma   90.000
#
_symmetry.space_group_name_H-M   'P 43 21 2'
#
loop_
_entity.id
_entity.type
_entity.pdbx_description
1 polymer 'Malate dehydrogenase'
2 non-polymer NICOTINAMIDE-ADENINE-DINUCLEOTIDE
3 non-polymer 2-ETHOXYETHANOL
4 water water
#
_entity_poly.entity_id   1
_entity_poly.type   'polypeptide(L)'
_entity_poly.pdbx_seq_one_letter_code
;AKVGFIGAGKIGQTIAYSALVSGAVDEAVIYDIIPELPDKFEHELRHAFATKGIKANVLGTNSLDDVSGMDIVVISAGKP
RKPGMSRRDLFVDNAKIMIDLAQKLPSKNPGAIYLMVANPVDMMASVFMKYSKQFTISAGDQVETMRMRSFIAKKLKIPV
TSVDGFVGGEHGEDAVVLWSTVKIKGKPVDEFNINKDEVSDYVKKIPGEIIRVIGGTTWGPGTIIADIIKSIAFSENRVM
SIATPKEYEKEIIHVSAPTVVGSSIGPSLESLLDEKDRWHLNSAMKDFYEAYKENLKQLEQATKA
;
_entity_poly.pdbx_strand_id   A,B
#
loop_
_chem_comp.id
_chem_comp.type
_chem_comp.name
_chem_comp.formula
ETX non-polymer 2-ETHOXYETHANOL 'C4 H10 O2'
NAD non-polymer NICOTINAMIDE-ADENINE-DINUCLEOTIDE 'C21 H27 N7 O14 P2'
#
# COMPACT_ATOMS: atom_id res chain seq x y z
N ALA A 1 -15.96 -9.65 -6.75
CA ALA A 1 -15.35 -10.55 -7.75
C ALA A 1 -14.37 -11.50 -7.04
N LYS A 2 -14.22 -12.71 -7.59
CA LYS A 2 -13.14 -13.59 -7.27
C LYS A 2 -11.98 -13.22 -8.22
N VAL A 3 -10.84 -12.82 -7.65
CA VAL A 3 -9.68 -12.37 -8.44
C VAL A 3 -8.44 -13.15 -8.04
N GLY A 4 -7.75 -13.67 -9.07
CA GLY A 4 -6.53 -14.39 -8.90
C GLY A 4 -5.44 -13.43 -9.25
N PHE A 5 -4.31 -13.51 -8.52
CA PHE A 5 -3.14 -12.63 -8.78
C PHE A 5 -1.92 -13.49 -9.07
N ILE A 6 -1.38 -13.37 -10.29
CA ILE A 6 -0.18 -14.05 -10.74
C ILE A 6 0.96 -13.06 -10.67
N GLY A 7 1.72 -13.22 -9.59
CA GLY A 7 2.78 -12.33 -9.27
C GLY A 7 2.38 -11.51 -8.07
N ALA A 8 3.18 -11.65 -7.04
CA ALA A 8 3.01 -11.07 -5.74
C ALA A 8 4.27 -10.27 -5.37
N GLY A 9 4.89 -9.58 -6.33
CA GLY A 9 5.93 -8.58 -6.02
C GLY A 9 5.33 -7.19 -5.80
N LYS A 10 6.19 -6.18 -5.82
CA LYS A 10 5.81 -4.78 -5.62
C LYS A 10 4.47 -4.36 -6.25
N ILE A 11 4.35 -4.37 -7.58
CA ILE A 11 3.08 -3.98 -8.22
C ILE A 11 1.93 -4.96 -7.92
N GLY A 12 2.19 -6.28 -7.90
CA GLY A 12 1.12 -7.24 -7.57
C GLY A 12 0.56 -7.11 -6.15
N GLN A 13 1.44 -7.00 -5.16
CA GLN A 13 1.00 -6.70 -3.78
C GLN A 13 0.17 -5.40 -3.64
N THR A 14 0.63 -4.32 -4.28
CA THR A 14 -0.08 -3.08 -4.23
C THR A 14 -1.46 -3.18 -4.80
N ILE A 15 -1.55 -3.73 -6.00
CA ILE A 15 -2.87 -3.84 -6.62
C ILE A 15 -3.74 -4.72 -5.74
N ALA A 16 -3.18 -5.82 -5.20
CA ALA A 16 -4.01 -6.73 -4.44
C ALA A 16 -4.51 -6.06 -3.14
N TYR A 17 -3.60 -5.33 -2.46
CA TYR A 17 -3.94 -4.55 -1.27
C TYR A 17 -5.11 -3.56 -1.52
N SER A 18 -4.94 -2.70 -2.49
CA SER A 18 -5.86 -1.64 -2.89
C SER A 18 -7.22 -2.18 -3.35
N ALA A 19 -7.24 -3.29 -4.06
CA ALA A 19 -8.49 -3.87 -4.52
C ALA A 19 -9.23 -4.58 -3.39
N LEU A 20 -8.51 -5.06 -2.39
CA LEU A 20 -9.12 -5.74 -1.30
C LEU A 20 -9.70 -4.71 -0.29
N VAL A 21 -9.02 -3.59 -0.03
CA VAL A 21 -9.55 -2.63 0.94
C VAL A 21 -10.58 -1.76 0.29
N SER A 22 -10.61 -1.66 -1.01
CA SER A 22 -11.78 -1.00 -1.60
C SER A 22 -13.10 -1.85 -1.58
N GLY A 23 -12.98 -3.15 -1.25
CA GLY A 23 -14.12 -4.06 -1.30
C GLY A 23 -14.44 -4.57 -2.70
N ALA A 24 -13.58 -4.33 -3.66
CA ALA A 24 -13.84 -4.81 -5.02
C ALA A 24 -13.60 -6.32 -5.15
N VAL A 25 -12.80 -6.89 -4.24
CA VAL A 25 -12.40 -8.29 -4.30
C VAL A 25 -12.95 -8.95 -3.04
N ASP A 26 -13.94 -9.84 -3.24
CA ASP A 26 -14.53 -10.70 -2.22
C ASP A 26 -13.61 -11.85 -1.80
N GLU A 27 -12.82 -12.33 -2.76
CA GLU A 27 -12.08 -13.56 -2.64
C GLU A 27 -10.88 -13.45 -3.53
N ALA A 28 -9.71 -13.73 -2.99
CA ALA A 28 -8.52 -13.74 -3.83
C ALA A 28 -7.61 -14.95 -3.64
N VAL A 29 -6.96 -15.38 -4.73
CA VAL A 29 -5.85 -16.30 -4.64
C VAL A 29 -4.63 -15.64 -5.23
N ILE A 30 -3.54 -15.73 -4.50
CA ILE A 30 -2.32 -15.03 -4.86
C ILE A 30 -1.14 -16.00 -4.99
N TYR A 31 -0.43 -15.88 -6.11
CA TYR A 31 0.56 -16.85 -6.50
C TYR A 31 1.81 -16.17 -6.95
N ASP A 32 2.93 -16.77 -6.57
CA ASP A 32 4.27 -16.33 -6.99
C ASP A 32 5.15 -17.57 -6.97
N ILE A 33 6.20 -17.57 -7.76
CA ILE A 33 7.19 -18.66 -7.67
C ILE A 33 8.12 -18.54 -6.45
N ILE A 34 8.30 -17.34 -5.84
CA ILE A 34 9.23 -17.21 -4.67
C ILE A 34 8.67 -17.94 -3.48
N PRO A 35 9.43 -18.90 -2.91
CA PRO A 35 8.78 -19.73 -1.90
C PRO A 35 8.33 -18.96 -0.69
N GLU A 36 7.13 -19.27 -0.14
CA GLU A 36 6.63 -18.61 1.08
C GLU A 36 6.35 -17.07 1.02
N LEU A 37 6.53 -16.42 -0.13
CA LEU A 37 6.14 -15.03 -0.24
C LEU A 37 4.57 -14.88 -0.17
N PRO A 38 3.80 -15.64 -0.98
CA PRO A 38 2.36 -15.45 -0.90
C PRO A 38 1.78 -15.76 0.46
N ASP A 39 2.30 -16.77 1.12
CA ASP A 39 1.91 -17.13 2.48
C ASP A 39 2.07 -15.93 3.41
N LYS A 40 3.23 -15.29 3.32
CA LYS A 40 3.53 -14.16 4.24
C LYS A 40 2.76 -12.88 3.89
N PHE A 41 2.62 -12.61 2.59
CA PHE A 41 1.74 -11.57 2.10
C PHE A 41 0.31 -11.80 2.56
N GLU A 42 -0.19 -13.03 2.45
CA GLU A 42 -1.56 -13.36 2.99
C GLU A 42 -1.63 -13.04 4.49
N HIS A 43 -0.57 -13.28 5.21
CA HIS A 43 -0.57 -12.96 6.67
C HIS A 43 -0.74 -11.46 6.93
N GLU A 44 0.03 -10.66 6.15
CA GLU A 44 -0.01 -9.19 6.18
C GLU A 44 -1.37 -8.65 5.84
N LEU A 45 -2.05 -9.24 4.83
CA LEU A 45 -3.43 -8.86 4.46
C LEU A 45 -4.38 -9.11 5.59
N ARG A 46 -4.28 -10.28 6.24
CA ARG A 46 -5.18 -10.65 7.34
C ARG A 46 -5.05 -9.71 8.52
N HIS A 47 -3.83 -9.24 8.80
CA HIS A 47 -3.66 -8.30 9.88
C HIS A 47 -4.26 -6.92 9.55
N ALA A 48 -4.01 -6.44 8.34
CA ALA A 48 -4.70 -5.27 7.85
C ALA A 48 -6.22 -5.43 7.86
N PHE A 49 -6.72 -6.58 7.45
CA PHE A 49 -8.17 -6.77 7.43
C PHE A 49 -8.80 -6.63 8.78
N ALA A 50 -8.09 -7.01 9.83
CA ALA A 50 -8.73 -7.10 11.16
C ALA A 50 -9.19 -5.72 11.67
N THR A 51 -8.35 -4.72 11.46
CA THR A 51 -8.63 -3.34 11.81
C THR A 51 -9.75 -2.69 11.02
N LYS A 52 -9.98 -3.10 9.77
CA LYS A 52 -11.04 -2.55 8.92
C LYS A 52 -12.34 -3.37 8.97
N GLY A 53 -12.34 -4.56 9.56
CA GLY A 53 -13.54 -5.44 9.51
C GLY A 53 -13.77 -6.13 8.18
N ILE A 54 -12.69 -6.21 7.38
CA ILE A 54 -12.76 -6.85 6.12
C ILE A 54 -12.73 -8.38 6.33
N LYS A 55 -13.60 -9.10 5.64
CA LYS A 55 -13.73 -10.54 5.81
C LYS A 55 -13.59 -11.34 4.52
N ALA A 56 -13.04 -10.69 3.49
CA ALA A 56 -12.71 -11.33 2.23
C ALA A 56 -11.79 -12.54 2.46
N ASN A 57 -12.06 -13.62 1.74
CA ASN A 57 -11.22 -14.81 1.80
C ASN A 57 -10.05 -14.65 0.86
N VAL A 58 -8.87 -14.91 1.41
CA VAL A 58 -7.61 -14.71 0.77
C VAL A 58 -6.68 -15.94 1.01
N LEU A 59 -6.04 -16.41 -0.05
CA LEU A 59 -5.14 -17.58 -0.09
C LEU A 59 -3.87 -17.24 -0.84
N GLY A 60 -2.76 -17.28 -0.12
CA GLY A 60 -1.40 -17.22 -0.68
C GLY A 60 -0.91 -18.62 -1.02
N THR A 61 -0.40 -18.82 -2.23
CA THR A 61 0.00 -20.14 -2.66
C THR A 61 1.27 -20.13 -3.50
N ASN A 62 2.07 -21.19 -3.34
CA ASN A 62 3.19 -21.45 -4.24
C ASN A 62 2.81 -22.54 -5.30
N SER A 63 1.53 -22.93 -5.35
CA SER A 63 1.00 -23.88 -6.34
C SER A 63 0.00 -23.19 -7.24
N LEU A 64 0.44 -22.88 -8.45
CA LEU A 64 -0.42 -22.36 -9.51
C LEU A 64 -1.72 -23.13 -9.71
N ASP A 65 -1.73 -24.40 -9.33
CA ASP A 65 -2.93 -25.23 -9.50
C ASP A 65 -4.09 -24.76 -8.63
N ASP A 66 -3.72 -24.04 -7.57
CA ASP A 66 -4.67 -23.50 -6.60
C ASP A 66 -5.43 -22.29 -7.10
N VAL A 67 -4.94 -21.63 -8.17
CA VAL A 67 -5.66 -20.51 -8.79
C VAL A 67 -6.79 -21.06 -9.74
N SER A 68 -7.95 -21.39 -9.19
CA SER A 68 -9.03 -21.80 -10.07
C SER A 68 -10.35 -21.16 -9.67
N GLY A 69 -11.32 -21.16 -10.58
CA GLY A 69 -12.65 -20.62 -10.31
C GLY A 69 -12.72 -19.10 -10.26
N MET A 70 -11.66 -18.38 -10.70
CA MET A 70 -11.65 -16.90 -10.63
C MET A 70 -12.50 -16.23 -11.70
N ASP A 71 -12.94 -14.98 -11.43
CA ASP A 71 -13.65 -14.14 -12.40
C ASP A 71 -12.69 -13.30 -13.21
N ILE A 72 -11.66 -12.85 -12.54
CA ILE A 72 -10.66 -11.98 -13.15
C ILE A 72 -9.33 -12.56 -12.70
N VAL A 73 -8.35 -12.58 -13.61
CA VAL A 73 -6.98 -12.96 -13.31
C VAL A 73 -6.10 -11.82 -13.68
N VAL A 74 -5.22 -11.43 -12.77
CA VAL A 74 -4.33 -10.28 -12.92
C VAL A 74 -2.89 -10.75 -12.95
N ILE A 75 -2.20 -10.44 -14.03
CA ILE A 75 -0.90 -11.02 -14.25
C ILE A 75 0.11 -9.94 -14.13
N SER A 76 0.96 -10.01 -13.12
CA SER A 76 2.07 -9.05 -12.94
C SER A 76 3.44 -9.77 -12.84
N ALA A 77 3.48 -11.03 -13.21
CA ALA A 77 4.73 -11.79 -13.22
C ALA A 77 5.62 -11.31 -14.37
N GLY A 78 6.87 -10.99 -14.03
CA GLY A 78 7.77 -10.25 -14.91
C GLY A 78 9.21 -10.42 -14.49
N LYS A 79 10.12 -10.20 -15.45
CA LYS A 79 11.56 -10.26 -15.20
C LYS A 79 12.05 -8.84 -15.37
N PRO A 80 13.09 -8.43 -14.58
CA PRO A 80 13.61 -7.05 -14.70
C PRO A 80 14.37 -6.79 -16.02
N ARG A 87 16.18 -4.40 -24.35
CA ARG A 87 14.78 -4.23 -24.79
C ARG A 87 14.53 -5.12 -25.99
N ARG A 88 13.25 -5.43 -26.27
CA ARG A 88 12.82 -6.45 -27.27
C ARG A 88 13.10 -7.83 -26.67
N ASP A 89 14.36 -8.06 -26.33
CA ASP A 89 14.70 -9.03 -25.30
C ASP A 89 13.63 -9.06 -24.22
N LEU A 90 13.20 -7.89 -23.73
CA LEU A 90 12.18 -7.83 -22.67
C LEU A 90 10.89 -8.55 -23.09
N PHE A 91 10.44 -8.28 -24.30
CA PHE A 91 9.34 -9.02 -24.89
C PHE A 91 9.53 -10.53 -24.88
N VAL A 92 10.70 -10.98 -25.32
CA VAL A 92 10.98 -12.42 -25.46
C VAL A 92 11.02 -13.07 -24.08
N ASP A 93 11.75 -12.45 -23.20
CA ASP A 93 11.91 -12.95 -21.86
C ASP A 93 10.59 -13.21 -21.16
N ASN A 94 9.69 -12.25 -21.27
CA ASN A 94 8.40 -12.25 -20.54
C ASN A 94 7.31 -12.95 -21.33
N ALA A 95 7.38 -12.92 -22.66
CA ALA A 95 6.40 -13.71 -23.45
C ALA A 95 6.45 -15.22 -23.16
N LYS A 96 7.59 -15.72 -22.66
CA LYS A 96 7.68 -17.12 -22.26
C LYS A 96 6.87 -17.35 -21.00
N ILE A 97 6.95 -16.43 -20.06
CA ILE A 97 6.12 -16.53 -18.88
C ILE A 97 4.65 -16.63 -19.32
N MET A 98 4.25 -15.78 -20.27
CA MET A 98 2.86 -15.70 -20.67
C MET A 98 2.39 -16.95 -21.41
N ILE A 99 3.28 -17.50 -22.23
CA ILE A 99 2.92 -18.69 -22.98
C ILE A 99 2.77 -19.86 -22.01
N ASP A 100 3.62 -19.94 -20.99
CA ASP A 100 3.44 -21.02 -20.01
C ASP A 100 2.09 -20.83 -19.26
N LEU A 101 1.82 -19.62 -18.74
CA LEU A 101 0.54 -19.33 -18.04
C LEU A 101 -0.70 -19.60 -18.95
N ALA A 102 -0.55 -19.25 -20.23
CA ALA A 102 -1.62 -19.47 -21.25
C ALA A 102 -2.09 -20.93 -21.38
N GLN A 103 -1.14 -21.84 -21.19
CA GLN A 103 -1.45 -23.29 -21.20
C GLN A 103 -2.19 -23.73 -19.89
N LYS A 104 -1.80 -23.15 -18.75
CA LYS A 104 -2.33 -23.56 -17.47
C LYS A 104 -3.66 -22.90 -17.05
N LEU A 105 -3.75 -21.58 -17.14
CA LEU A 105 -4.87 -20.85 -16.49
C LEU A 105 -6.29 -21.12 -17.04
N PRO A 106 -6.44 -21.16 -18.37
CA PRO A 106 -7.80 -21.18 -18.88
C PRO A 106 -8.68 -22.36 -18.45
N SER A 107 -8.12 -23.52 -18.29
CA SER A 107 -8.96 -24.69 -18.05
C SER A 107 -9.33 -24.75 -16.59
N LYS A 108 -8.51 -24.12 -15.74
CA LYS A 108 -8.83 -23.95 -14.32
C LYS A 108 -9.80 -22.74 -14.05
N ASN A 109 -9.80 -21.73 -14.93
CA ASN A 109 -10.63 -20.54 -14.77
C ASN A 109 -11.67 -20.32 -15.88
N PRO A 110 -12.59 -21.28 -16.02
CA PRO A 110 -13.62 -21.16 -17.07
C PRO A 110 -14.26 -19.81 -17.05
N GLY A 111 -14.33 -19.13 -18.18
CA GLY A 111 -15.03 -17.86 -18.24
C GLY A 111 -14.33 -16.63 -17.65
N ALA A 112 -13.13 -16.76 -17.11
CA ALA A 112 -12.44 -15.63 -16.50
C ALA A 112 -12.00 -14.61 -17.51
N ILE A 113 -11.89 -13.35 -17.07
CA ILE A 113 -11.28 -12.20 -17.81
C ILE A 113 -9.83 -12.03 -17.32
N TYR A 114 -8.94 -11.62 -18.19
CA TYR A 114 -7.55 -11.52 -17.82
C TYR A 114 -7.19 -10.07 -17.96
N LEU A 115 -6.39 -9.58 -17.01
CA LEU A 115 -5.92 -8.21 -17.04
C LEU A 115 -4.39 -8.20 -16.94
N MET A 116 -3.72 -7.72 -17.99
CA MET A 116 -2.29 -7.78 -18.04
C MET A 116 -1.68 -6.52 -17.40
N VAL A 117 -0.71 -6.74 -16.52
CA VAL A 117 0.04 -5.67 -15.92
C VAL A 117 1.54 -5.76 -16.29
N ALA A 118 2.08 -6.97 -16.34
CA ALA A 118 3.52 -7.16 -16.67
C ALA A 118 3.87 -6.52 -18.02
N ASN A 119 5.06 -5.94 -18.11
CA ASN A 119 5.49 -5.21 -19.31
C ASN A 119 6.27 -6.10 -20.28
N PRO A 120 6.33 -5.78 -21.58
CA PRO A 120 5.61 -4.68 -22.21
C PRO A 120 4.14 -5.01 -22.37
N VAL A 121 3.33 -4.18 -21.68
CA VAL A 121 1.99 -4.57 -21.22
C VAL A 121 1.02 -4.85 -22.37
N ASP A 122 0.94 -3.93 -23.33
CA ASP A 122 0.06 -4.13 -24.50
C ASP A 122 0.49 -5.42 -25.30
N MET A 123 1.80 -5.54 -25.48
CA MET A 123 2.40 -6.63 -26.20
C MET A 123 2.19 -7.95 -25.44
N MET A 124 2.27 -7.91 -24.10
CA MET A 124 2.06 -9.10 -23.31
C MET A 124 0.60 -9.52 -23.25
N ALA A 125 -0.31 -8.56 -23.27
CA ALA A 125 -1.72 -8.89 -23.37
C ALA A 125 -1.99 -9.60 -24.67
N SER A 126 -1.44 -9.05 -25.77
CA SER A 126 -1.58 -9.65 -27.12
C SER A 126 -1.04 -11.09 -27.18
N VAL A 127 0.21 -11.28 -26.76
CA VAL A 127 0.76 -12.64 -26.66
C VAL A 127 -0.19 -13.53 -25.87
N PHE A 128 -0.56 -13.13 -24.65
CA PHE A 128 -1.32 -14.03 -23.82
C PHE A 128 -2.69 -14.39 -24.45
N MET A 129 -3.35 -13.48 -25.15
CA MET A 129 -4.66 -13.82 -25.75
C MET A 129 -4.54 -14.75 -26.99
N LYS A 130 -3.46 -14.58 -27.78
CA LYS A 130 -3.12 -15.48 -28.90
C LYS A 130 -3.02 -16.92 -28.43
N TYR A 131 -2.19 -17.14 -27.41
CA TYR A 131 -1.91 -18.47 -26.88
C TYR A 131 -2.98 -19.03 -25.97
N SER A 132 -3.57 -18.22 -25.09
CA SER A 132 -4.64 -18.68 -24.19
C SER A 132 -6.02 -18.76 -24.86
N LYS A 133 -6.27 -17.88 -25.82
CA LYS A 133 -7.57 -17.70 -26.43
C LYS A 133 -8.66 -17.17 -25.49
N GLN A 134 -8.24 -16.50 -24.40
CA GLN A 134 -9.19 -15.84 -23.48
C GLN A 134 -9.22 -14.31 -23.65
N PHE A 135 -10.40 -13.74 -23.42
CA PHE A 135 -10.52 -12.30 -23.41
C PHE A 135 -9.52 -11.67 -22.42
N THR A 136 -8.61 -10.87 -22.98
CA THR A 136 -7.50 -10.30 -22.23
C THR A 136 -7.48 -8.80 -22.45
N ILE A 137 -7.48 -8.03 -21.35
CA ILE A 137 -7.21 -6.58 -21.47
C ILE A 137 -5.87 -6.21 -20.84
N SER A 138 -5.33 -5.08 -21.27
CA SER A 138 -4.14 -4.51 -20.70
C SER A 138 -4.49 -3.19 -20.01
N ALA A 139 -3.90 -3.01 -18.83
CA ALA A 139 -3.90 -1.73 -18.09
C ALA A 139 -3.63 -0.51 -18.96
N GLY A 140 -2.82 -0.71 -19.98
CA GLY A 140 -2.62 0.25 -21.06
C GLY A 140 -2.12 1.62 -20.62
N ASP A 141 -2.84 2.63 -21.05
CA ASP A 141 -2.49 4.02 -20.77
C ASP A 141 -3.36 4.68 -19.66
N GLN A 142 -4.14 3.88 -18.92
CA GLN A 142 -4.85 4.41 -17.77
C GLN A 142 -3.92 5.07 -16.76
N VAL A 143 -2.75 4.49 -16.51
CA VAL A 143 -1.82 5.12 -15.58
C VAL A 143 -1.41 6.50 -16.11
N GLU A 144 -0.93 6.51 -17.36
CA GLU A 144 -0.53 7.75 -18.05
C GLU A 144 -1.63 8.85 -18.05
N THR A 145 -2.85 8.42 -18.31
CA THR A 145 -4.02 9.27 -18.18
C THR A 145 -4.05 9.95 -16.82
N MET A 146 -3.89 9.19 -15.77
CA MET A 146 -3.92 9.77 -14.46
C MET A 146 -2.70 10.64 -14.20
N ARG A 147 -1.57 10.29 -14.77
CA ARG A 147 -0.36 11.16 -14.71
C ARG A 147 -0.57 12.53 -15.39
N MET A 148 -1.17 12.49 -16.55
CA MET A 148 -1.53 13.69 -17.30
C MET A 148 -2.45 14.60 -16.48
N ARG A 149 -3.50 14.04 -15.86
CA ARG A 149 -4.48 14.84 -15.14
C ARG A 149 -3.84 15.47 -13.89
N SER A 150 -3.06 14.69 -13.22
CA SER A 150 -2.34 15.10 -12.04
C SER A 150 -1.41 16.31 -12.36
N PHE A 151 -0.81 16.27 -13.56
CA PHE A 151 0.18 17.27 -13.92
C PHE A 151 -0.48 18.60 -14.25
N ILE A 152 -1.42 18.58 -15.18
CA ILE A 152 -2.17 19.75 -15.49
C ILE A 152 -2.68 20.43 -14.22
N ALA A 153 -3.30 19.65 -13.32
CA ALA A 153 -3.97 20.21 -12.17
C ALA A 153 -2.96 20.87 -11.21
N LYS A 154 -1.83 20.23 -10.96
CA LYS A 154 -0.78 20.86 -10.18
C LYS A 154 -0.18 22.13 -10.88
N LYS A 155 -0.10 22.08 -12.20
CA LYS A 155 0.47 23.17 -12.95
C LYS A 155 -0.44 24.38 -12.85
N LEU A 156 -1.74 24.21 -13.14
CA LEU A 156 -2.73 25.29 -12.98
C LEU A 156 -3.27 25.53 -11.53
N LYS A 157 -2.63 24.97 -10.52
CA LYS A 157 -3.11 25.13 -9.13
C LYS A 157 -4.64 24.94 -8.94
N ILE A 158 -5.18 23.89 -9.58
CA ILE A 158 -6.61 23.56 -9.46
C ILE A 158 -6.75 22.17 -8.94
N PRO A 159 -7.94 21.79 -8.47
CA PRO A 159 -8.07 20.39 -8.04
C PRO A 159 -8.05 19.42 -9.24
N VAL A 160 -7.41 18.25 -9.04
CA VAL A 160 -7.36 17.24 -10.09
C VAL A 160 -8.76 16.82 -10.58
N THR A 161 -9.77 16.99 -9.72
CA THR A 161 -11.18 16.72 -10.07
C THR A 161 -11.82 17.66 -11.07
N SER A 162 -11.15 18.78 -11.37
CA SER A 162 -11.53 19.68 -12.45
C SER A 162 -10.80 19.42 -13.80
N VAL A 163 -9.97 18.38 -13.88
CA VAL A 163 -9.35 17.98 -15.16
C VAL A 163 -9.94 16.66 -15.68
N ASP A 164 -10.35 16.64 -16.93
CA ASP A 164 -10.87 15.45 -17.60
C ASP A 164 -9.91 15.15 -18.77
N GLY A 165 -9.94 13.93 -19.30
CA GLY A 165 -9.06 13.53 -20.42
C GLY A 165 -8.39 12.17 -20.33
N PHE A 166 -7.82 11.74 -21.46
CA PHE A 166 -7.16 10.46 -21.62
C PHE A 166 -5.91 10.54 -22.49
N VAL A 167 -4.98 9.67 -22.14
CA VAL A 167 -3.80 9.34 -22.92
C VAL A 167 -4.17 8.03 -23.62
N GLY A 168 -3.70 7.85 -24.84
CA GLY A 168 -4.00 6.62 -25.61
C GLY A 168 -2.99 6.27 -26.68
N GLY A 169 -3.36 5.24 -27.45
CA GLY A 169 -2.45 4.57 -28.38
C GLY A 169 -1.54 3.51 -27.73
N GLU A 170 -0.27 3.58 -28.10
CA GLU A 170 0.71 2.65 -27.62
C GLU A 170 1.00 2.95 -26.16
N HIS A 171 1.73 2.05 -25.54
CA HIS A 171 2.06 2.12 -24.16
C HIS A 171 3.29 2.96 -23.98
N GLY A 172 3.34 3.63 -22.82
CA GLY A 172 4.59 4.17 -22.30
C GLY A 172 5.09 5.34 -23.08
N GLU A 173 6.38 5.33 -23.41
CA GLU A 173 6.96 6.47 -24.09
C GLU A 173 6.42 6.69 -25.50
N ASP A 174 5.73 5.71 -26.07
CA ASP A 174 5.02 5.93 -27.33
C ASP A 174 3.58 6.41 -27.21
N ALA A 175 3.08 6.60 -26.00
CA ALA A 175 1.68 6.99 -25.82
C ALA A 175 1.49 8.44 -26.29
N VAL A 176 0.28 8.72 -26.73
CA VAL A 176 -0.14 10.02 -27.20
C VAL A 176 -1.23 10.58 -26.24
N VAL A 177 -1.14 11.87 -25.89
CA VAL A 177 -2.26 12.57 -25.23
C VAL A 177 -3.33 12.85 -26.27
N LEU A 178 -4.56 12.43 -25.98
CA LEU A 178 -5.73 12.65 -26.80
C LEU A 178 -6.40 13.99 -26.49
N TRP A 179 -5.86 15.05 -27.10
CA TRP A 179 -6.21 16.41 -26.64
C TRP A 179 -7.66 16.77 -26.83
N SER A 180 -8.37 16.12 -27.76
CA SER A 180 -9.82 16.40 -27.85
C SER A 180 -10.64 15.92 -26.67
N THR A 181 -10.06 15.05 -25.83
CA THR A 181 -10.75 14.61 -24.60
C THR A 181 -10.40 15.49 -23.43
N VAL A 182 -9.29 16.21 -23.48
CA VAL A 182 -8.83 16.98 -22.32
C VAL A 182 -9.66 18.25 -22.09
N LYS A 183 -10.20 18.39 -20.87
CA LYS A 183 -11.09 19.50 -20.49
C LYS A 183 -10.82 19.98 -19.07
N ILE A 184 -10.60 21.30 -18.93
CA ILE A 184 -10.36 21.98 -17.63
C ILE A 184 -11.62 22.73 -17.19
N LYS A 185 -12.20 22.34 -16.05
CA LYS A 185 -13.46 22.91 -15.55
C LYS A 185 -14.59 22.74 -16.54
N GLY A 186 -14.61 21.60 -17.20
CA GLY A 186 -15.67 21.31 -18.14
C GLY A 186 -15.48 22.05 -19.43
N LYS A 187 -14.30 22.62 -19.68
CA LYS A 187 -14.11 23.48 -20.85
C LYS A 187 -12.92 23.09 -21.70
N PRO A 188 -13.03 23.17 -23.05
CA PRO A 188 -11.94 22.84 -24.00
C PRO A 188 -10.56 23.33 -23.60
N VAL A 189 -9.62 22.44 -23.59
CA VAL A 189 -8.22 22.73 -23.21
C VAL A 189 -7.57 23.94 -23.89
N ASP A 190 -7.94 24.20 -25.16
CA ASP A 190 -7.38 25.31 -25.94
C ASP A 190 -7.71 26.69 -25.37
N GLU A 191 -8.81 26.80 -24.63
CA GLU A 191 -9.07 27.98 -23.81
C GLU A 191 -8.11 28.23 -22.59
N PHE A 192 -6.97 27.54 -22.44
CA PHE A 192 -6.10 27.63 -21.21
C PHE A 192 -4.60 27.61 -21.54
N ASN A 193 -3.83 27.99 -20.52
CA ASN A 193 -2.38 28.10 -20.56
C ASN A 193 -1.62 26.78 -20.40
N ILE A 194 -1.66 25.96 -21.46
CA ILE A 194 -1.16 24.58 -21.41
C ILE A 194 -0.06 24.30 -22.42
N ASN A 195 1.17 24.27 -21.94
CA ASN A 195 2.26 23.83 -22.73
C ASN A 195 2.14 22.30 -22.91
N LYS A 196 1.57 21.90 -24.05
CA LYS A 196 1.33 20.47 -24.36
C LYS A 196 2.58 19.63 -24.32
N ASP A 197 3.66 20.16 -24.88
CA ASP A 197 4.93 19.43 -24.87
C ASP A 197 5.43 19.19 -23.46
N GLU A 198 5.17 20.13 -22.55
CA GLU A 198 5.57 19.98 -21.18
C GLU A 198 4.77 18.84 -20.52
N VAL A 199 3.48 18.70 -20.89
CA VAL A 199 2.61 17.66 -20.35
C VAL A 199 3.04 16.27 -20.82
N SER A 200 2.93 16.06 -22.12
CA SER A 200 3.40 14.85 -22.80
C SER A 200 4.78 14.41 -22.27
N ASP A 201 5.65 15.38 -22.05
CA ASP A 201 7.01 15.07 -21.58
C ASP A 201 7.10 14.60 -20.14
N TYR A 202 6.28 15.20 -19.27
CA TYR A 202 6.13 14.76 -17.87
C TYR A 202 5.64 13.28 -17.81
N VAL A 203 4.65 12.96 -18.63
CA VAL A 203 4.16 11.60 -18.71
C VAL A 203 5.19 10.56 -19.03
N LYS A 204 6.04 10.84 -20.03
CA LYS A 204 7.05 9.86 -20.50
C LYS A 204 8.16 9.70 -19.50
N LYS A 205 8.57 10.78 -18.87
CA LYS A 205 9.80 10.80 -18.07
C LYS A 205 9.61 10.49 -16.56
N ILE A 206 8.42 10.75 -16.03
CA ILE A 206 8.22 10.63 -14.56
C ILE A 206 8.38 9.19 -13.98
N PRO A 207 7.93 8.16 -14.74
CA PRO A 207 8.21 6.85 -14.25
C PRO A 207 9.69 6.57 -14.10
N GLY A 208 10.48 6.87 -15.15
CA GLY A 208 11.93 6.65 -15.12
C GLY A 208 12.60 7.35 -13.94
N GLU A 209 12.16 8.58 -13.70
CA GLU A 209 12.58 9.33 -12.51
C GLU A 209 12.18 8.70 -11.14
N ILE A 210 10.96 8.19 -11.04
CA ILE A 210 10.54 7.50 -9.82
C ILE A 210 11.36 6.23 -9.63
N ILE A 211 11.49 5.47 -10.71
CA ILE A 211 12.30 4.27 -10.74
C ILE A 211 13.72 4.57 -10.31
N ARG A 212 14.31 5.63 -10.81
CA ARG A 212 15.70 5.92 -10.47
C ARG A 212 15.89 6.14 -8.98
N VAL A 213 14.95 6.87 -8.36
CA VAL A 213 15.14 7.30 -6.98
C VAL A 213 14.67 6.24 -6.01
N ILE A 214 13.60 5.52 -6.34
CA ILE A 214 12.94 4.65 -5.39
C ILE A 214 13.29 3.15 -5.42
N GLY A 215 13.29 2.48 -6.57
CA GLY A 215 12.23 2.54 -7.56
C GLY A 215 12.05 1.11 -8.03
N GLY A 216 10.93 0.74 -8.61
CA GLY A 216 10.07 1.61 -9.34
C GLY A 216 8.83 2.04 -8.67
N THR A 217 7.76 1.98 -9.44
CA THR A 217 6.53 2.57 -9.17
C THR A 217 5.61 1.54 -8.55
N THR A 218 4.89 1.92 -7.49
CA THR A 218 3.94 1.03 -6.83
C THR A 218 2.63 1.74 -6.59
N TRP A 219 2.64 2.72 -5.70
CA TRP A 219 1.42 3.40 -5.20
C TRP A 219 0.48 3.92 -6.33
N GLY A 220 1.07 4.58 -7.32
CA GLY A 220 0.33 5.23 -8.38
C GLY A 220 -0.36 4.19 -9.24
N PRO A 221 0.41 3.38 -9.98
CA PRO A 221 -0.22 2.35 -10.84
C PRO A 221 -0.94 1.23 -10.09
N GLY A 222 -0.46 0.88 -8.90
CA GLY A 222 -1.24 0.00 -8.04
C GLY A 222 -2.68 0.47 -7.81
N THR A 223 -2.84 1.73 -7.45
CA THR A 223 -4.14 2.26 -7.09
C THR A 223 -4.96 2.37 -8.38
N ILE A 224 -4.31 2.79 -9.44
CA ILE A 224 -5.01 3.08 -10.71
C ILE A 224 -5.59 1.80 -11.36
N ILE A 225 -4.79 0.75 -11.30
CA ILE A 225 -5.12 -0.54 -11.86
C ILE A 225 -6.15 -1.24 -10.97
N ALA A 226 -6.01 -1.13 -9.64
CA ALA A 226 -7.07 -1.58 -8.72
C ALA A 226 -8.37 -0.94 -9.03
N ASP A 227 -8.37 0.34 -9.42
CA ASP A 227 -9.62 0.97 -9.84
C ASP A 227 -10.26 0.35 -11.12
N ILE A 228 -9.46 -0.17 -12.05
CA ILE A 228 -10.00 -0.93 -13.20
C ILE A 228 -10.75 -2.16 -12.67
N ILE A 229 -10.10 -2.88 -11.77
CA ILE A 229 -10.76 -4.03 -11.17
C ILE A 229 -12.05 -3.62 -10.50
N LYS A 230 -12.02 -2.50 -9.76
CA LYS A 230 -13.25 -1.99 -9.11
C LYS A 230 -14.37 -1.67 -10.08
N SER A 231 -14.01 -1.04 -11.17
CA SER A 231 -15.02 -0.62 -12.12
C SER A 231 -15.70 -1.85 -12.75
N ILE A 232 -14.91 -2.91 -13.02
CA ILE A 232 -15.45 -4.19 -13.45
C ILE A 232 -16.33 -4.82 -12.35
N ALA A 233 -15.80 -4.92 -11.16
CA ALA A 233 -16.44 -5.70 -10.11
C ALA A 233 -17.69 -5.06 -9.56
N PHE A 234 -17.73 -3.74 -9.44
CA PHE A 234 -18.98 -3.04 -9.05
C PHE A 234 -19.91 -2.65 -10.26
N SER A 235 -19.45 -2.86 -11.49
CA SER A 235 -20.20 -2.51 -12.75
C SER A 235 -20.48 -1.01 -12.84
N GLU A 236 -19.43 -0.23 -12.72
CA GLU A 236 -19.50 1.20 -12.63
C GLU A 236 -19.54 1.90 -13.99
N ASN A 237 -19.06 1.26 -15.04
CA ASN A 237 -19.05 1.85 -16.39
C ASN A 237 -18.21 3.13 -16.50
N ARG A 238 -17.05 3.09 -15.87
CA ARG A 238 -16.13 4.19 -15.94
C ARG A 238 -15.47 4.07 -17.30
N VAL A 239 -15.30 5.21 -17.97
CA VAL A 239 -14.53 5.20 -19.18
C VAL A 239 -13.08 5.29 -18.72
N MET A 240 -12.25 4.36 -19.19
CA MET A 240 -10.82 4.33 -18.85
C MET A 240 -10.08 3.99 -20.13
N SER A 241 -8.85 4.49 -20.31
CA SER A 241 -8.06 4.11 -21.50
C SER A 241 -7.12 2.94 -21.23
N ILE A 242 -7.80 1.80 -21.14
CA ILE A 242 -7.23 0.47 -21.20
C ILE A 242 -7.07 0.06 -22.68
N ALA A 243 -6.32 -1.01 -22.89
CA ALA A 243 -6.13 -1.54 -24.22
C ALA A 243 -6.93 -2.80 -24.27
N THR A 244 -7.97 -2.77 -25.10
CA THR A 244 -8.81 -3.91 -25.40
C THR A 244 -8.31 -4.55 -26.72
N PRO A 245 -8.63 -5.84 -26.95
CA PRO A 245 -8.28 -6.55 -28.17
C PRO A 245 -9.03 -6.13 -29.44
N LYS A 246 -8.27 -5.90 -30.51
CA LYS A 246 -8.86 -5.55 -31.80
C LYS A 246 -8.26 -6.45 -32.91
N GLU A 247 -9.09 -6.84 -33.87
CA GLU A 247 -8.63 -7.58 -35.06
C GLU A 247 -7.84 -6.65 -35.97
N TYR A 248 -6.68 -7.06 -36.43
CA TYR A 248 -5.92 -6.25 -37.41
C TYR A 248 -4.99 -7.18 -38.19
N GLU A 249 -5.24 -7.31 -39.51
CA GLU A 249 -4.44 -8.19 -40.42
C GLU A 249 -4.38 -9.65 -39.93
N LYS A 250 -5.57 -10.18 -39.64
CA LYS A 250 -5.75 -11.55 -39.16
C LYS A 250 -5.16 -11.83 -37.73
N GLU A 251 -4.41 -10.88 -37.14
CA GLU A 251 -3.88 -11.01 -35.75
C GLU A 251 -4.64 -10.10 -34.74
N ILE A 252 -4.49 -10.42 -33.46
CA ILE A 252 -5.14 -9.68 -32.35
C ILE A 252 -4.12 -8.76 -31.72
N ILE A 253 -4.46 -7.47 -31.63
CA ILE A 253 -3.58 -6.48 -31.02
C ILE A 253 -4.23 -5.66 -29.89
N HIS A 254 -3.38 -5.07 -29.05
CA HIS A 254 -3.83 -4.16 -27.96
C HIS A 254 -3.26 -2.77 -28.09
N VAL A 255 -4.15 -1.83 -28.30
CA VAL A 255 -3.86 -0.39 -28.31
C VAL A 255 -4.82 0.34 -27.33
N SER A 256 -4.32 1.29 -26.52
CA SER A 256 -5.20 1.94 -25.50
C SER A 256 -6.09 2.99 -26.15
N ALA A 257 -7.38 2.93 -25.82
CA ALA A 257 -8.34 3.98 -26.13
C ALA A 257 -9.41 4.11 -24.98
N PRO A 258 -10.08 5.26 -24.90
CA PRO A 258 -11.16 5.36 -23.97
C PRO A 258 -12.27 4.32 -24.20
N THR A 259 -12.53 3.51 -23.18
CA THR A 259 -13.35 2.33 -23.29
C THR A 259 -14.26 2.24 -22.06
N VAL A 260 -15.54 1.95 -22.25
CA VAL A 260 -16.47 1.71 -21.10
C VAL A 260 -16.16 0.40 -20.40
N VAL A 261 -15.86 0.47 -19.11
CA VAL A 261 -15.42 -0.65 -18.30
C VAL A 261 -16.47 -0.95 -17.26
N GLY A 262 -17.23 -1.99 -17.49
CA GLY A 262 -18.26 -2.45 -16.51
C GLY A 262 -18.26 -3.94 -16.26
N SER A 263 -19.37 -4.51 -15.86
CA SER A 263 -19.44 -5.94 -15.76
C SER A 263 -19.19 -6.50 -17.14
N SER A 264 -19.65 -5.80 -18.14
CA SER A 264 -19.24 -6.07 -19.51
C SER A 264 -18.22 -5.04 -19.92
N ILE A 265 -17.27 -5.41 -20.75
CA ILE A 265 -16.24 -4.48 -21.18
C ILE A 265 -16.43 -4.02 -22.62
N GLY A 266 -16.56 -2.70 -22.80
CA GLY A 266 -16.70 -2.03 -24.09
C GLY A 266 -18.02 -1.27 -24.17
N PRO A 267 -18.21 -0.41 -25.16
CA PRO A 267 -17.35 -0.18 -26.31
C PRO A 267 -16.18 0.73 -26.09
N SER A 268 -15.26 0.67 -27.04
CA SER A 268 -14.29 1.71 -27.26
C SER A 268 -14.96 2.91 -27.86
N LEU A 269 -14.33 4.06 -27.62
CA LEU A 269 -14.88 5.35 -27.96
C LEU A 269 -14.02 6.08 -29.01
N GLU A 270 -13.02 5.43 -29.62
CA GLU A 270 -12.19 6.06 -30.66
C GLU A 270 -13.04 6.77 -31.75
N SER A 271 -14.18 6.18 -32.12
CA SER A 271 -15.03 6.81 -33.13
C SER A 271 -15.51 8.20 -32.71
N LEU A 272 -15.63 8.47 -31.40
CA LEU A 272 -16.14 9.77 -30.92
C LEU A 272 -15.05 10.83 -30.73
N LEU A 273 -13.80 10.45 -30.96
CA LEU A 273 -12.71 11.42 -30.90
C LEU A 273 -12.75 12.36 -32.08
N ASP A 274 -11.96 13.45 -31.97
CA ASP A 274 -11.75 14.37 -33.12
C ASP A 274 -10.84 13.70 -34.15
N GLU A 275 -10.70 14.35 -35.30
CA GLU A 275 -10.00 13.77 -36.45
C GLU A 275 -8.51 13.54 -36.22
N LYS A 276 -7.82 14.50 -35.62
CA LYS A 276 -6.39 14.32 -35.33
C LYS A 276 -6.15 13.14 -34.36
N ASP A 277 -7.00 13.02 -33.34
CA ASP A 277 -6.85 11.93 -32.39
C ASP A 277 -7.21 10.60 -33.08
N ARG A 278 -8.31 10.53 -33.83
CA ARG A 278 -8.61 9.30 -34.64
C ARG A 278 -7.40 8.90 -35.49
N TRP A 279 -6.73 9.89 -36.06
CA TRP A 279 -5.52 9.67 -36.84
C TRP A 279 -4.35 9.04 -36.03
N HIS A 280 -3.95 9.65 -34.91
CA HIS A 280 -2.84 9.12 -34.08
C HIS A 280 -3.05 7.69 -33.61
N LEU A 281 -4.31 7.34 -33.37
CA LEU A 281 -4.74 5.98 -33.00
C LEU A 281 -4.58 4.93 -34.15
N ASN A 282 -4.87 5.34 -35.38
CA ASN A 282 -4.57 4.49 -36.54
C ASN A 282 -3.07 4.33 -36.73
N SER A 283 -2.29 5.41 -36.71
CA SER A 283 -0.81 5.26 -36.70
C SER A 283 -0.40 4.28 -35.63
N ALA A 284 -1.02 4.38 -34.45
CA ALA A 284 -0.66 3.52 -33.33
C ALA A 284 -0.93 2.04 -33.61
N MET A 285 -2.11 1.70 -34.15
CA MET A 285 -2.45 0.30 -34.52
C MET A 285 -1.48 -0.28 -35.57
N LYS A 286 -1.11 0.55 -36.53
CA LYS A 286 -0.18 0.14 -37.56
C LYS A 286 1.15 -0.11 -36.94
N ASP A 287 1.66 0.88 -36.24
CA ASP A 287 2.99 0.75 -35.64
C ASP A 287 3.09 -0.40 -34.64
N PHE A 288 2.05 -0.60 -33.82
CA PHE A 288 2.02 -1.69 -32.84
C PHE A 288 2.05 -3.04 -33.57
N TYR A 289 1.20 -3.21 -34.60
CA TYR A 289 1.24 -4.43 -35.46
C TYR A 289 2.64 -4.82 -35.98
N GLU A 290 3.33 -3.84 -36.57
CA GLU A 290 4.68 -4.03 -37.14
C GLU A 290 5.64 -4.51 -36.05
N ALA A 291 5.68 -3.77 -34.95
CA ALA A 291 6.60 -4.08 -33.86
C ALA A 291 6.26 -5.44 -33.19
N TYR A 292 4.97 -5.77 -33.14
CA TYR A 292 4.50 -7.04 -32.55
C TYR A 292 4.91 -8.21 -33.41
N LYS A 293 4.67 -8.13 -34.72
CA LYS A 293 5.14 -9.18 -35.66
C LYS A 293 6.68 -9.28 -35.72
N GLU A 294 7.39 -8.16 -35.74
CA GLU A 294 8.86 -8.24 -35.61
C GLU A 294 9.29 -8.93 -34.28
N ASN A 295 8.54 -8.72 -33.21
CA ASN A 295 8.82 -9.37 -31.92
C ASN A 295 8.42 -10.84 -31.90
N LEU A 296 7.33 -11.20 -32.59
CA LEU A 296 6.93 -12.59 -32.75
C LEU A 296 7.98 -13.40 -33.47
N LYS A 297 8.50 -12.84 -34.57
CA LYS A 297 9.63 -13.41 -35.31
C LYS A 297 10.77 -13.75 -34.37
N GLN A 298 11.34 -12.76 -33.68
CA GLN A 298 12.49 -13.06 -32.82
C GLN A 298 12.20 -14.10 -31.70
N LEU A 299 10.94 -14.24 -31.32
CA LEU A 299 10.53 -15.30 -30.41
C LEU A 299 10.59 -16.68 -31.07
N GLU A 300 10.01 -16.79 -32.28
CA GLU A 300 10.00 -18.06 -33.06
C GLU A 300 11.40 -18.69 -33.22
N GLN A 301 12.46 -17.92 -32.99
CA GLN A 301 13.78 -18.47 -32.65
C GLN A 301 13.83 -19.02 -31.22
N ALA A 302 13.07 -20.11 -31.04
CA ALA A 302 12.90 -20.87 -29.80
C ALA A 302 13.47 -22.28 -30.16
N THR A 303 14.79 -22.41 -30.08
CA THR A 303 15.51 -23.49 -30.76
C THR A 303 16.23 -24.49 -29.82
N LYS A 304 16.58 -25.64 -30.41
CA LYS A 304 16.93 -26.86 -29.69
C LYS A 304 18.38 -27.28 -29.89
N ALA A 305 19.25 -26.75 -29.02
CA ALA A 305 20.65 -27.15 -28.87
C ALA A 305 20.72 -28.28 -27.85
N ALA B 1 -6.97 15.96 9.13
CA ALA B 1 -5.87 16.50 9.98
C ALA B 1 -4.67 16.86 9.12
N LYS B 2 -3.85 17.77 9.63
CA LYS B 2 -2.57 18.11 8.99
C LYS B 2 -1.58 17.16 9.60
N VAL B 3 -1.03 16.26 8.81
CA VAL B 3 -0.07 15.29 9.33
C VAL B 3 1.32 15.33 8.71
N GLY B 4 2.33 15.35 9.57
CA GLY B 4 3.72 15.30 9.17
C GLY B 4 4.34 13.93 9.36
N PHE B 5 5.00 13.47 8.28
CA PHE B 5 5.68 12.20 8.25
C PHE B 5 7.16 12.42 8.20
N ILE B 6 7.81 12.02 9.29
CA ILE B 6 9.30 11.99 9.41
C ILE B 6 9.79 10.57 9.18
N GLY B 7 10.30 10.35 7.98
CA GLY B 7 10.62 9.04 7.46
C GLY B 7 9.65 8.72 6.33
N ALA B 8 10.20 8.50 5.14
CA ALA B 8 9.44 8.08 3.94
C ALA B 8 9.95 6.76 3.42
N GLY B 9 10.33 5.87 4.34
CA GLY B 9 10.70 4.49 4.01
C GLY B 9 9.49 3.65 3.62
N LYS B 10 9.67 2.35 3.72
CA LYS B 10 8.62 1.39 3.49
C LYS B 10 7.39 1.59 4.40
N ILE B 11 7.60 1.67 5.71
CA ILE B 11 6.45 1.84 6.63
C ILE B 11 5.87 3.28 6.62
N GLY B 12 6.75 4.29 6.59
CA GLY B 12 6.35 5.68 6.32
C GLY B 12 5.39 5.80 5.14
N GLN B 13 5.76 5.25 4.03
CA GLN B 13 4.94 5.37 2.83
C GLN B 13 3.62 4.62 2.94
N THR B 14 3.64 3.39 3.43
CA THR B 14 2.43 2.62 3.57
C THR B 14 1.51 3.37 4.50
N ILE B 15 2.03 3.88 5.63
CA ILE B 15 1.18 4.64 6.58
C ILE B 15 0.58 5.88 5.90
N ALA B 16 1.45 6.64 5.21
CA ALA B 16 0.98 7.84 4.55
C ALA B 16 -0.09 7.49 3.51
N TYR B 17 0.16 6.45 2.71
CA TYR B 17 -0.77 6.10 1.63
C TYR B 17 -2.08 5.79 2.19
N SER B 18 -2.07 4.95 3.22
CA SER B 18 -3.29 4.40 3.75
C SER B 18 -4.14 5.47 4.45
N ALA B 19 -3.49 6.38 5.17
CA ALA B 19 -4.23 7.47 5.83
C ALA B 19 -4.70 8.57 4.87
N LEU B 20 -3.92 8.87 3.84
CA LEU B 20 -4.37 9.77 2.76
C LEU B 20 -5.61 9.19 2.02
N VAL B 21 -5.53 7.94 1.52
CA VAL B 21 -6.71 7.35 0.76
C VAL B 21 -8.00 7.12 1.59
N SER B 22 -7.89 6.94 2.90
CA SER B 22 -9.06 6.91 3.79
C SER B 22 -9.73 8.25 4.09
N GLY B 23 -9.05 9.35 3.77
CA GLY B 23 -9.56 10.68 4.10
C GLY B 23 -9.15 11.25 5.43
N ALA B 24 -8.44 10.49 6.25
CA ALA B 24 -8.03 10.91 7.56
C ALA B 24 -7.03 12.05 7.52
N VAL B 25 -6.32 12.18 6.38
CA VAL B 25 -5.33 13.20 6.20
C VAL B 25 -5.68 14.14 5.04
N ASP B 26 -6.00 15.39 5.33
CA ASP B 26 -6.26 16.40 4.24
C ASP B 26 -5.04 17.15 3.81
N GLU B 27 -3.99 17.00 4.56
CA GLU B 27 -2.84 17.80 4.34
C GLU B 27 -1.65 17.08 4.97
N ALA B 28 -0.63 16.85 4.15
CA ALA B 28 0.50 16.15 4.62
C ALA B 28 1.77 16.74 4.08
N VAL B 29 2.78 16.71 4.93
CA VAL B 29 4.14 17.03 4.54
C VAL B 29 4.96 15.83 4.86
N ILE B 30 5.77 15.41 3.90
CA ILE B 30 6.51 14.19 4.01
C ILE B 30 8.01 14.48 3.92
N TYR B 31 8.78 14.04 4.94
CA TYR B 31 10.20 14.38 5.04
C TYR B 31 11.06 13.15 5.18
N ASP B 32 12.21 13.15 4.51
CA ASP B 32 13.27 12.13 4.66
C ASP B 32 14.64 12.80 4.40
N ILE B 33 15.69 12.22 4.95
CA ILE B 33 17.07 12.58 4.59
C ILE B 33 17.47 12.17 3.19
N ILE B 34 16.97 11.05 2.68
CA ILE B 34 17.36 10.66 1.33
C ILE B 34 16.92 11.70 0.28
N PRO B 35 17.87 12.29 -0.49
CA PRO B 35 17.52 13.33 -1.49
C PRO B 35 16.57 12.81 -2.52
N GLU B 36 15.58 13.63 -2.87
CA GLU B 36 14.56 13.32 -3.91
C GLU B 36 13.56 12.17 -3.64
N LEU B 37 13.59 11.51 -2.47
CA LEU B 37 12.67 10.36 -2.19
C LEU B 37 11.27 10.91 -1.91
N PRO B 38 11.16 11.81 -0.91
CA PRO B 38 9.90 12.50 -0.65
C PRO B 38 9.20 13.03 -1.90
N ASP B 39 9.99 13.64 -2.80
CA ASP B 39 9.49 14.29 -4.02
C ASP B 39 8.87 13.26 -4.93
N LYS B 40 9.60 12.18 -5.20
CA LYS B 40 9.12 11.12 -6.08
C LYS B 40 7.90 10.38 -5.47
N PHE B 41 7.94 10.13 -4.16
CA PHE B 41 6.76 9.62 -3.47
C PHE B 41 5.54 10.52 -3.61
N GLU B 42 5.76 11.83 -3.52
CA GLU B 42 4.66 12.76 -3.75
C GLU B 42 4.04 12.63 -5.13
N HIS B 43 4.89 12.42 -6.13
CA HIS B 43 4.37 12.31 -7.52
C HIS B 43 3.45 11.05 -7.55
N GLU B 44 3.97 9.93 -7.03
CA GLU B 44 3.20 8.68 -6.87
C GLU B 44 1.83 8.89 -6.24
N LEU B 45 1.85 9.59 -5.12
CA LEU B 45 0.59 9.91 -4.41
C LEU B 45 -0.37 10.69 -5.28
N ARG B 46 0.17 11.69 -5.98
CA ARG B 46 -0.70 12.53 -6.82
C ARG B 46 -1.35 11.74 -7.96
N HIS B 47 -0.62 10.78 -8.49
CA HIS B 47 -1.14 9.91 -9.56
C HIS B 47 -2.26 9.02 -9.01
N ALA B 48 -2.03 8.46 -7.83
CA ALA B 48 -3.05 7.67 -7.14
C ALA B 48 -4.28 8.50 -6.84
N PHE B 49 -4.06 9.77 -6.48
CA PHE B 49 -5.19 10.66 -6.15
C PHE B 49 -6.11 10.91 -7.33
N ALA B 50 -5.54 10.98 -8.53
CA ALA B 50 -6.35 11.29 -9.75
C ALA B 50 -7.50 10.32 -9.96
N THR B 51 -7.23 9.04 -9.81
CA THR B 51 -8.28 8.04 -10.11
C THR B 51 -9.34 8.06 -9.02
N LYS B 52 -8.93 8.42 -7.79
CA LYS B 52 -9.85 8.44 -6.58
C LYS B 52 -10.59 9.77 -6.39
N GLY B 53 -10.14 10.86 -7.07
CA GLY B 53 -10.69 12.19 -6.79
C GLY B 53 -10.24 12.83 -5.46
N ILE B 54 -9.10 12.43 -4.96
CA ILE B 54 -8.56 12.98 -3.74
C ILE B 54 -7.88 14.35 -4.00
N LYS B 55 -8.31 15.41 -3.32
CA LYS B 55 -7.74 16.75 -3.43
C LYS B 55 -6.84 17.08 -2.24
N ALA B 56 -6.55 16.14 -1.35
CA ALA B 56 -5.63 16.40 -0.26
C ALA B 56 -4.34 17.09 -0.70
N ASN B 57 -3.82 17.93 0.17
CA ASN B 57 -2.58 18.61 -0.06
C ASN B 57 -1.35 17.84 0.40
N VAL B 58 -0.40 17.67 -0.51
CA VAL B 58 0.75 16.87 -0.18
C VAL B 58 2.03 17.57 -0.58
N LEU B 59 3.03 17.55 0.30
CA LEU B 59 4.32 18.12 -0.01
C LEU B 59 5.37 17.19 0.42
N GLY B 60 6.15 16.72 -0.55
CA GLY B 60 7.35 15.92 -0.28
C GLY B 60 8.54 16.87 -0.19
N THR B 61 9.30 16.81 0.89
CA THR B 61 10.41 17.73 1.11
C THR B 61 11.67 17.07 1.69
N ASN B 62 12.81 17.71 1.37
CA ASN B 62 14.09 17.36 1.96
C ASN B 62 14.54 18.39 3.01
N SER B 63 13.71 19.38 3.28
CA SER B 63 13.98 20.40 4.26
C SER B 63 13.07 20.24 5.49
N LEU B 64 13.70 19.93 6.59
CA LEU B 64 12.98 19.74 7.84
C LEU B 64 12.12 20.92 8.22
N ASP B 65 12.54 22.14 7.88
CA ASP B 65 11.79 23.32 8.25
C ASP B 65 10.39 23.34 7.63
N ASP B 66 10.18 22.63 6.51
CA ASP B 66 8.83 22.57 5.89
C ASP B 66 7.79 21.82 6.73
N VAL B 67 8.21 21.04 7.71
CA VAL B 67 7.28 20.35 8.59
C VAL B 67 6.97 21.28 9.72
N SER B 68 6.00 22.14 9.50
CA SER B 68 5.48 22.99 10.57
C SER B 68 3.97 23.16 10.51
N GLY B 69 3.38 23.46 11.67
CA GLY B 69 1.95 23.70 11.79
C GLY B 69 1.18 22.41 11.68
N MET B 70 1.75 21.31 12.19
CA MET B 70 1.10 20.00 12.04
C MET B 70 0.33 19.67 13.29
N ASP B 71 -0.78 18.94 13.13
CA ASP B 71 -1.56 18.42 14.25
C ASP B 71 -0.94 17.12 14.78
N ILE B 72 -0.40 16.30 13.87
CA ILE B 72 0.17 15.01 14.23
C ILE B 72 1.47 14.87 13.45
N VAL B 73 2.48 14.36 14.14
CA VAL B 73 3.76 14.05 13.53
C VAL B 73 4.09 12.58 13.82
N VAL B 74 4.15 11.82 12.73
CA VAL B 74 4.40 10.36 12.74
C VAL B 74 5.87 10.08 12.45
N ILE B 75 6.58 9.48 13.41
CA ILE B 75 8.03 9.29 13.27
C ILE B 75 8.35 7.81 13.01
N SER B 76 8.84 7.55 11.81
CA SER B 76 9.19 6.20 11.37
C SER B 76 10.63 6.14 10.82
N ALA B 77 11.44 7.08 11.27
CA ALA B 77 12.80 7.20 10.82
C ALA B 77 13.65 6.29 11.68
N GLY B 78 14.46 5.43 11.08
CA GLY B 78 15.32 4.52 11.85
C GLY B 78 15.65 3.22 11.16
N LYS B 79 16.68 2.54 11.66
CA LYS B 79 17.14 1.26 11.12
C LYS B 79 16.11 0.19 11.53
N PRO B 80 15.83 -0.78 10.64
CA PRO B 80 14.84 -1.76 11.00
C PRO B 80 15.27 -2.80 12.06
N ARG B 81 14.32 -3.60 12.46
CA ARG B 81 14.50 -4.61 13.48
C ARG B 81 14.53 -6.00 12.90
N LYS B 82 15.72 -6.53 12.68
CA LYS B 82 15.98 -7.90 12.16
C LYS B 82 16.31 -8.87 13.35
N PRO B 83 15.78 -10.14 13.34
CA PRO B 83 16.19 -11.16 14.35
C PRO B 83 17.70 -11.40 14.44
N GLY B 84 18.23 -11.53 15.66
CA GLY B 84 19.68 -11.46 15.93
C GLY B 84 20.20 -10.11 16.47
N MET B 85 19.47 -9.01 16.24
CA MET B 85 19.75 -7.70 16.87
C MET B 85 18.95 -7.59 18.17
N SER B 86 19.60 -7.23 19.27
CA SER B 86 18.88 -7.10 20.56
C SER B 86 18.09 -5.76 20.55
N ARG B 87 17.14 -5.62 21.47
CA ARG B 87 16.48 -4.33 21.73
C ARG B 87 17.45 -3.21 22.15
N ARG B 88 18.40 -3.53 22.99
CA ARG B 88 19.47 -2.69 23.45
C ARG B 88 20.30 -2.10 22.32
N ASP B 89 20.67 -2.93 21.38
CA ASP B 89 21.50 -2.45 20.24
C ASP B 89 20.75 -1.51 19.35
N LEU B 90 19.50 -1.85 19.06
CA LEU B 90 18.67 -0.98 18.21
C LEU B 90 18.41 0.36 18.92
N PHE B 91 18.10 0.30 20.22
CA PHE B 91 18.00 1.49 21.03
C PHE B 91 19.18 2.43 20.86
N VAL B 92 20.38 1.88 20.94
CA VAL B 92 21.60 2.66 20.80
C VAL B 92 21.68 3.33 19.40
N ASP B 93 21.35 2.57 18.34
CA ASP B 93 21.23 3.12 16.98
C ASP B 93 20.25 4.29 16.87
N ASN B 94 19.04 4.03 17.32
CA ASN B 94 17.92 4.86 16.95
C ASN B 94 17.59 6.03 17.88
N ALA B 95 17.95 5.92 19.17
CA ALA B 95 17.72 7.02 20.15
C ALA B 95 18.34 8.34 19.72
N LYS B 96 19.56 8.27 19.15
CA LYS B 96 20.27 9.38 18.51
C LYS B 96 19.34 10.18 17.62
N ILE B 97 18.67 9.50 16.68
CA ILE B 97 17.77 10.17 15.76
C ILE B 97 16.64 10.88 16.53
N MET B 98 16.04 10.20 17.50
CA MET B 98 14.96 10.80 18.27
C MET B 98 15.41 12.04 19.08
N ILE B 99 16.63 11.96 19.66
CA ILE B 99 17.20 13.06 20.44
C ILE B 99 17.44 14.26 19.54
N ASP B 100 18.09 14.01 18.41
CA ASP B 100 18.16 15.03 17.35
C ASP B 100 16.81 15.64 17.00
N LEU B 101 15.82 14.80 16.67
CA LEU B 101 14.48 15.28 16.25
C LEU B 101 13.74 15.99 17.37
N ALA B 102 14.01 15.59 18.62
CA ALA B 102 13.40 16.26 19.76
C ALA B 102 13.87 17.72 19.86
N GLN B 103 15.03 18.04 19.28
CA GLN B 103 15.54 19.39 19.39
C GLN B 103 14.98 20.31 18.34
N LYS B 104 14.53 19.76 17.21
CA LYS B 104 14.07 20.59 16.07
C LYS B 104 12.56 20.74 15.86
N LEU B 105 11.83 19.65 15.99
CA LEU B 105 10.42 19.62 15.59
C LEU B 105 9.49 20.42 16.48
N PRO B 106 9.70 20.38 17.80
CA PRO B 106 8.72 21.05 18.69
C PRO B 106 8.57 22.54 18.46
N SER B 107 9.65 23.15 18.00
CA SER B 107 9.73 24.56 17.65
C SER B 107 8.72 24.96 16.56
N LYS B 108 8.61 24.13 15.51
CA LYS B 108 7.74 24.39 14.37
C LYS B 108 6.30 23.86 14.50
N ASN B 109 6.00 23.08 15.56
CA ASN B 109 4.71 22.37 15.64
C ASN B 109 4.12 22.44 17.02
N PRO B 110 3.69 23.65 17.45
CA PRO B 110 3.13 23.91 18.76
C PRO B 110 2.32 22.81 19.47
N GLY B 111 1.11 22.55 19.07
CA GLY B 111 0.29 21.66 19.91
C GLY B 111 0.23 20.23 19.41
N ALA B 112 1.27 19.77 18.71
CA ALA B 112 1.17 18.58 17.87
C ALA B 112 1.23 17.32 18.70
N ILE B 113 0.48 16.29 18.36
CA ILE B 113 0.62 14.94 18.98
C ILE B 113 1.78 14.28 18.23
N TYR B 114 2.66 13.57 18.94
CA TYR B 114 3.76 12.88 18.23
C TYR B 114 3.45 11.42 18.30
N LEU B 115 3.50 10.74 17.17
CA LEU B 115 3.17 9.30 17.12
C LEU B 115 4.41 8.55 16.70
N MET B 116 4.94 7.70 17.57
CA MET B 116 6.19 6.96 17.29
C MET B 116 5.89 5.63 16.62
N VAL B 117 6.65 5.38 15.55
CA VAL B 117 6.56 4.11 14.81
C VAL B 117 7.92 3.37 14.77
N ALA B 118 9.03 4.09 14.60
CA ALA B 118 10.41 3.51 14.65
C ALA B 118 10.71 2.66 15.91
N ASN B 119 11.43 1.54 15.74
CA ASN B 119 11.69 0.63 16.84
C ASN B 119 13.00 0.91 17.54
N PRO B 120 13.21 0.41 18.77
CA PRO B 120 12.17 -0.24 19.61
C PRO B 120 11.11 0.77 20.09
N VAL B 121 9.92 0.60 19.56
CA VAL B 121 8.93 1.69 19.44
C VAL B 121 8.50 2.39 20.75
N ASP B 122 8.23 1.65 21.80
CA ASP B 122 7.79 2.28 23.06
C ASP B 122 8.96 3.01 23.74
N MET B 123 10.13 2.39 23.67
CA MET B 123 11.35 3.05 24.11
C MET B 123 11.68 4.29 23.26
N MET B 124 11.50 4.23 21.93
CA MET B 124 11.74 5.41 21.11
C MET B 124 10.85 6.58 21.54
N ALA B 125 9.58 6.27 21.87
CA ALA B 125 8.64 7.27 22.31
C ALA B 125 9.03 7.85 23.66
N SER B 126 9.41 7.00 24.59
CA SER B 126 9.77 7.48 25.91
C SER B 126 10.95 8.50 25.82
N VAL B 127 11.93 8.17 24.99
CA VAL B 127 13.09 9.03 24.74
C VAL B 127 12.69 10.27 24.04
N PHE B 128 11.89 10.13 22.98
CA PHE B 128 11.50 11.33 22.25
C PHE B 128 10.79 12.33 23.19
N MET B 129 9.91 11.84 24.05
CA MET B 129 9.18 12.71 24.97
C MET B 129 10.10 13.26 26.07
N LYS B 130 11.04 12.44 26.50
CA LYS B 130 11.99 12.85 27.52
C LYS B 130 12.72 14.13 27.08
N TYR B 131 13.17 14.16 25.85
CA TYR B 131 13.96 15.24 25.33
C TYR B 131 13.14 16.32 24.61
N SER B 132 11.98 15.99 24.05
CA SER B 132 11.23 16.98 23.28
C SER B 132 10.30 17.75 24.18
N LYS B 133 9.96 17.17 25.34
CA LYS B 133 8.90 17.64 26.20
C LYS B 133 7.49 17.66 25.58
N GLN B 134 7.32 17.11 24.36
CA GLN B 134 6.01 17.08 23.71
C GLN B 134 5.28 15.78 24.00
N PHE B 135 3.95 15.85 24.11
CA PHE B 135 3.10 14.67 24.19
C PHE B 135 3.30 13.70 23.02
N THR B 136 3.65 12.48 23.38
CA THR B 136 4.11 11.46 22.45
C THR B 136 3.44 10.16 22.80
N ILE B 137 2.80 9.52 21.81
CA ILE B 137 2.31 8.14 22.00
C ILE B 137 3.09 7.19 21.08
N SER B 138 3.06 5.90 21.41
CA SER B 138 3.62 4.87 20.54
C SER B 138 2.52 4.04 19.95
N ALA B 139 2.73 3.61 18.71
CA ALA B 139 1.79 2.68 18.10
C ALA B 139 1.64 1.44 18.98
N GLY B 140 2.65 1.08 19.77
CA GLY B 140 2.48 0.07 20.80
C GLY B 140 2.08 -1.27 20.22
N ASP B 141 1.18 -1.95 20.95
CA ASP B 141 0.66 -3.27 20.59
C ASP B 141 -0.68 -3.32 19.84
N GLN B 142 -1.02 -2.25 19.14
CA GLN B 142 -2.24 -2.25 18.33
C GLN B 142 -2.09 -3.24 17.15
N VAL B 143 -0.88 -3.32 16.60
CA VAL B 143 -0.58 -4.28 15.51
C VAL B 143 -0.68 -5.74 16.03
N GLU B 144 0.01 -5.96 17.15
CA GLU B 144 -0.04 -7.23 17.87
C GLU B 144 -1.49 -7.62 18.12
N THR B 145 -2.32 -6.65 18.55
CA THR B 145 -3.74 -6.84 18.80
C THR B 145 -4.45 -7.39 17.53
N MET B 146 -4.18 -6.77 16.40
CA MET B 146 -4.88 -7.21 15.18
C MET B 146 -4.39 -8.58 14.67
N ARG B 147 -3.13 -8.89 14.95
CA ARG B 147 -2.55 -10.20 14.67
C ARG B 147 -3.20 -11.29 15.49
N MET B 148 -3.41 -11.01 16.74
CA MET B 148 -4.08 -11.95 17.61
C MET B 148 -5.49 -12.23 17.11
N ARG B 149 -6.19 -11.19 16.69
CA ARG B 149 -7.58 -11.30 16.31
C ARG B 149 -7.74 -12.12 15.05
N SER B 150 -6.89 -11.86 14.07
CA SER B 150 -6.97 -12.56 12.80
C SER B 150 -6.59 -14.03 12.92
N PHE B 151 -5.66 -14.34 13.85
CA PHE B 151 -5.22 -15.70 14.08
C PHE B 151 -6.34 -16.51 14.69
N ILE B 152 -6.91 -16.03 15.77
CA ILE B 152 -8.08 -16.71 16.35
C ILE B 152 -9.20 -16.86 15.31
N ALA B 153 -9.43 -15.86 14.49
CA ALA B 153 -10.45 -15.97 13.45
C ALA B 153 -10.15 -17.13 12.50
N LYS B 154 -8.94 -17.23 11.94
CA LYS B 154 -8.59 -18.28 10.93
C LYS B 154 -8.65 -19.67 11.57
N LYS B 155 -8.18 -19.78 12.81
CA LYS B 155 -8.18 -21.03 13.53
C LYS B 155 -9.57 -21.54 13.80
N LEU B 156 -10.49 -20.68 14.21
CA LEU B 156 -11.85 -21.13 14.43
C LEU B 156 -12.72 -21.09 13.16
N LYS B 157 -12.19 -20.61 12.07
CA LYS B 157 -12.96 -20.51 10.85
C LYS B 157 -14.18 -19.62 10.98
N ILE B 158 -13.99 -18.48 11.63
CA ILE B 158 -15.02 -17.44 11.78
C ILE B 158 -14.52 -16.13 11.22
N PRO B 159 -15.43 -15.18 10.95
CA PRO B 159 -14.91 -13.90 10.52
C PRO B 159 -14.21 -13.17 11.67
N VAL B 160 -13.24 -12.32 11.30
CA VAL B 160 -12.47 -11.54 12.27
C VAL B 160 -13.34 -10.56 13.05
N THR B 161 -14.45 -10.18 12.42
CA THR B 161 -15.40 -9.29 13.02
C THR B 161 -16.11 -9.94 14.27
N SER B 162 -16.02 -11.25 14.42
CA SER B 162 -16.54 -11.93 15.61
C SER B 162 -15.52 -12.08 16.72
N VAL B 163 -14.33 -11.50 16.57
CA VAL B 163 -13.35 -11.58 17.62
C VAL B 163 -13.07 -10.17 18.17
N ASP B 164 -13.12 -10.09 19.48
CA ASP B 164 -12.77 -8.89 20.20
C ASP B 164 -11.55 -9.13 21.12
N GLY B 165 -10.79 -8.06 21.42
CA GLY B 165 -9.79 -8.14 22.48
C GLY B 165 -8.48 -7.46 22.12
N PHE B 166 -7.58 -7.43 23.09
CA PHE B 166 -6.37 -6.66 23.03
C PHE B 166 -5.13 -7.42 23.53
N VAL B 167 -4.01 -7.09 22.90
CA VAL B 167 -2.71 -7.46 23.36
C VAL B 167 -2.17 -6.17 24.01
N GLY B 168 -1.44 -6.27 25.11
CA GLY B 168 -0.80 -5.12 25.73
C GLY B 168 0.52 -5.43 26.44
N GLY B 169 0.90 -4.53 27.33
CA GLY B 169 2.15 -4.61 27.99
C GLY B 169 3.27 -4.08 27.09
N GLU B 170 4.39 -4.80 27.12
CA GLU B 170 5.54 -4.37 26.41
C GLU B 170 5.39 -4.75 24.95
N HIS B 171 6.18 -4.13 24.11
CA HIS B 171 6.11 -4.34 22.69
C HIS B 171 6.70 -5.68 22.28
N GLY B 172 6.30 -6.14 21.07
CA GLY B 172 6.92 -7.27 20.37
C GLY B 172 6.89 -8.63 21.07
N GLU B 173 8.07 -9.21 21.25
CA GLU B 173 8.16 -10.53 21.89
C GLU B 173 7.77 -10.50 23.34
N ASP B 174 7.95 -9.36 24.00
CA ASP B 174 7.48 -9.22 25.38
C ASP B 174 5.98 -8.93 25.55
N ALA B 175 5.21 -8.80 24.46
CA ALA B 175 3.78 -8.57 24.55
C ALA B 175 3.03 -9.67 25.30
N VAL B 176 1.87 -9.34 25.85
CA VAL B 176 1.03 -10.30 26.48
C VAL B 176 -0.39 -10.12 26.00
N VAL B 177 -1.08 -11.23 25.75
CA VAL B 177 -2.47 -11.17 25.35
C VAL B 177 -3.24 -10.87 26.64
N LEU B 178 -4.16 -9.89 26.61
CA LEU B 178 -5.01 -9.58 27.79
C LEU B 178 -6.26 -10.42 27.68
N TRP B 179 -6.23 -11.59 28.30
CA TRP B 179 -7.22 -12.60 27.99
C TRP B 179 -8.61 -12.21 28.47
N SER B 180 -8.68 -11.31 29.45
CA SER B 180 -9.96 -10.90 29.99
C SER B 180 -10.72 -10.02 29.02
N THR B 181 -10.02 -9.50 28.00
CA THR B 181 -10.65 -8.72 26.94
C THR B 181 -11.13 -9.55 25.78
N VAL B 182 -10.70 -10.81 25.69
CA VAL B 182 -10.88 -11.56 24.46
C VAL B 182 -12.24 -12.25 24.47
N LYS B 183 -13.06 -11.98 23.47
CA LYS B 183 -14.35 -12.56 23.38
C LYS B 183 -14.57 -12.99 21.97
N ILE B 184 -15.30 -14.09 21.80
CA ILE B 184 -15.62 -14.66 20.51
C ILE B 184 -17.12 -14.67 20.42
N LYS B 185 -17.67 -14.02 19.39
CA LYS B 185 -19.10 -13.81 19.25
C LYS B 185 -19.66 -13.32 20.57
N GLY B 186 -18.97 -12.38 21.18
CA GLY B 186 -19.43 -11.79 22.44
C GLY B 186 -19.25 -12.57 23.72
N LYS B 187 -18.71 -13.79 23.67
CA LYS B 187 -18.67 -14.67 24.83
C LYS B 187 -17.27 -14.84 25.33
N PRO B 188 -17.10 -15.15 26.64
CA PRO B 188 -15.79 -15.39 27.22
C PRO B 188 -14.97 -16.39 26.41
N VAL B 189 -13.67 -16.14 26.32
CA VAL B 189 -12.80 -16.95 25.46
C VAL B 189 -12.68 -18.37 25.99
N ASP B 190 -12.77 -18.50 27.33
CA ASP B 190 -12.70 -19.79 28.00
C ASP B 190 -13.77 -20.76 27.53
N GLU B 191 -14.90 -20.30 26.98
CA GLU B 191 -15.94 -21.20 26.39
C GLU B 191 -15.57 -21.90 25.06
N PHE B 192 -14.42 -21.56 24.47
CA PHE B 192 -14.06 -22.09 23.19
C PHE B 192 -12.78 -22.89 23.29
N ASN B 193 -12.59 -23.76 22.31
CA ASN B 193 -11.38 -24.51 22.26
C ASN B 193 -10.31 -23.70 21.53
N ILE B 194 -9.57 -22.88 22.30
CA ILE B 194 -8.38 -22.25 21.75
C ILE B 194 -7.20 -22.39 22.69
N ASN B 195 -6.04 -22.63 22.08
CA ASN B 195 -4.82 -22.85 22.81
C ASN B 195 -4.21 -21.47 22.93
N LYS B 196 -4.26 -20.90 24.12
CA LYS B 196 -3.71 -19.57 24.38
C LYS B 196 -2.21 -19.37 24.06
N ASP B 197 -1.40 -20.38 24.36
CA ASP B 197 0.05 -20.31 24.10
C ASP B 197 0.36 -20.27 22.61
N GLU B 198 -0.42 -21.02 21.82
CA GLU B 198 -0.30 -20.99 20.34
C GLU B 198 -0.61 -19.58 19.78
N VAL B 199 -1.65 -18.96 20.32
CA VAL B 199 -2.07 -17.65 19.87
C VAL B 199 -0.93 -16.69 20.25
N SER B 200 -0.54 -16.75 21.49
CA SER B 200 0.55 -15.88 21.95
C SER B 200 1.82 -15.97 21.10
N ASP B 201 2.24 -17.19 20.73
CA ASP B 201 3.48 -17.21 19.94
C ASP B 201 3.33 -17.03 18.44
N TYR B 202 2.18 -17.30 17.87
CA TYR B 202 1.91 -16.71 16.56
C TYR B 202 2.13 -15.17 16.57
N VAL B 203 1.49 -14.47 17.49
CA VAL B 203 1.62 -13.01 17.61
C VAL B 203 3.10 -12.56 17.71
N LYS B 204 3.85 -13.22 18.56
CA LYS B 204 5.25 -12.90 18.77
C LYS B 204 6.18 -13.30 17.62
N LYS B 205 5.90 -14.37 16.93
CA LYS B 205 6.83 -14.87 15.91
C LYS B 205 6.54 -14.40 14.48
N ILE B 206 5.28 -14.17 14.15
CA ILE B 206 4.91 -13.86 12.76
C ILE B 206 5.66 -12.65 12.14
N PRO B 207 5.94 -11.55 12.93
CA PRO B 207 6.66 -10.46 12.24
C PRO B 207 8.04 -10.88 11.76
N GLY B 208 8.73 -11.67 12.56
CA GLY B 208 10.04 -12.27 12.15
C GLY B 208 9.98 -13.15 10.91
N GLU B 209 9.03 -14.09 10.88
CA GLU B 209 8.75 -14.85 9.65
C GLU B 209 8.53 -13.94 8.45
N ILE B 210 7.74 -12.88 8.60
CA ILE B 210 7.44 -12.02 7.46
C ILE B 210 8.67 -11.27 6.95
N ILE B 211 9.50 -10.82 7.88
CA ILE B 211 10.72 -10.09 7.56
C ILE B 211 11.70 -11.03 6.87
N ARG B 212 11.87 -12.23 7.42
CA ARG B 212 12.72 -13.22 6.80
C ARG B 212 12.37 -13.44 5.29
N VAL B 213 11.09 -13.63 4.98
CA VAL B 213 10.71 -14.00 3.64
C VAL B 213 10.66 -12.78 2.77
N ILE B 214 10.07 -11.70 3.25
CA ILE B 214 9.81 -10.50 2.40
C ILE B 214 10.84 -9.40 2.63
N GLY B 215 11.51 -9.32 3.76
CA GLY B 215 12.46 -8.23 4.01
C GLY B 215 11.92 -7.10 4.88
N GLY B 216 10.63 -7.14 5.21
CA GLY B 216 10.00 -6.06 5.95
C GLY B 216 8.51 -6.25 6.09
N THR B 217 7.98 -5.60 7.11
CA THR B 217 6.57 -5.66 7.47
C THR B 217 5.98 -4.33 7.05
N THR B 218 4.94 -4.36 6.23
CA THR B 218 4.38 -3.14 5.68
C THR B 218 2.86 -3.10 5.68
N TRP B 219 2.18 -3.89 4.87
CA TRP B 219 0.72 -3.71 4.69
C TRP B 219 -0.06 -3.74 6.04
N GLY B 220 0.31 -4.68 6.87
CA GLY B 220 -0.33 -4.88 8.15
C GLY B 220 -0.14 -3.69 9.04
N PRO B 221 1.12 -3.41 9.44
CA PRO B 221 1.32 -2.31 10.40
C PRO B 221 0.89 -0.97 9.86
N GLY B 222 1.09 -0.77 8.56
CA GLY B 222 0.81 0.50 7.93
C GLY B 222 -0.67 0.82 7.86
N THR B 223 -1.51 -0.18 7.59
CA THR B 223 -2.95 0.04 7.67
C THR B 223 -3.36 0.20 9.15
N ILE B 224 -2.84 -0.65 9.99
CA ILE B 224 -3.25 -0.60 11.41
C ILE B 224 -2.87 0.75 12.04
N ILE B 225 -1.65 1.24 11.75
CA ILE B 225 -1.21 2.52 12.27
C ILE B 225 -1.93 3.69 11.59
N ALA B 226 -2.35 3.51 10.35
CA ALA B 226 -3.12 4.52 9.70
C ALA B 226 -4.48 4.57 10.32
N ASP B 227 -5.02 3.45 10.78
CA ASP B 227 -6.33 3.49 11.47
C ASP B 227 -6.23 4.22 12.82
N ILE B 228 -5.05 4.29 13.41
CA ILE B 228 -4.87 5.10 14.66
C ILE B 228 -4.98 6.58 14.33
N ILE B 229 -4.27 6.98 13.29
CA ILE B 229 -4.30 8.34 12.81
C ILE B 229 -5.74 8.67 12.48
N LYS B 230 -6.47 7.75 11.86
CA LYS B 230 -7.84 8.03 11.47
C LYS B 230 -8.70 8.25 12.70
N SER B 231 -8.50 7.48 13.74
CA SER B 231 -9.40 7.61 14.95
C SER B 231 -9.11 8.93 15.67
N ILE B 232 -7.90 9.46 15.53
CA ILE B 232 -7.62 10.79 16.02
C ILE B 232 -8.27 11.87 15.12
N ALA B 233 -7.95 11.86 13.85
CA ALA B 233 -8.46 12.79 12.82
C ALA B 233 -9.98 12.93 12.75
N PHE B 234 -10.70 11.83 12.88
CA PHE B 234 -12.16 11.84 12.82
C PHE B 234 -12.84 11.81 14.22
N SER B 235 -12.05 11.79 15.30
CA SER B 235 -12.53 11.70 16.69
C SER B 235 -13.50 10.54 16.92
N GLU B 236 -13.02 9.35 16.63
CA GLU B 236 -13.82 8.15 16.58
C GLU B 236 -13.96 7.42 17.91
N ASN B 237 -13.01 7.64 18.82
CA ASN B 237 -13.02 7.08 20.15
C ASN B 237 -12.83 5.61 20.17
N ARG B 238 -12.08 5.10 19.18
CA ARG B 238 -11.72 3.68 19.14
C ARG B 238 -10.76 3.41 20.26
N VAL B 239 -11.02 2.34 20.98
CA VAL B 239 -10.15 1.82 22.01
C VAL B 239 -9.07 1.01 21.34
N MET B 240 -7.83 1.38 21.61
CA MET B 240 -6.70 0.82 20.88
C MET B 240 -5.56 0.54 21.86
N SER B 241 -4.85 -0.56 21.67
CA SER B 241 -3.77 -0.90 22.57
C SER B 241 -2.43 -0.21 22.24
N ILE B 242 -2.50 1.11 22.15
CA ILE B 242 -1.36 1.97 21.96
C ILE B 242 -0.69 2.19 23.33
N ALA B 243 0.45 2.85 23.30
CA ALA B 243 1.20 3.05 24.54
C ALA B 243 1.28 4.54 24.79
N THR B 244 0.86 4.93 25.99
CA THR B 244 0.74 6.31 26.34
C THR B 244 1.73 6.54 27.50
N PRO B 245 2.11 7.79 27.74
CA PRO B 245 3.11 8.06 28.74
C PRO B 245 2.56 7.86 30.11
N LYS B 246 3.33 7.20 30.97
CA LYS B 246 3.01 7.04 32.37
C LYS B 246 4.27 7.42 33.17
N GLU B 247 4.10 7.98 34.35
CA GLU B 247 5.22 8.39 35.21
C GLU B 247 5.52 7.21 36.13
N TYR B 248 6.77 6.81 36.17
CA TYR B 248 7.17 5.66 36.93
C TYR B 248 8.51 5.95 37.55
N GLU B 249 8.54 6.01 38.86
CA GLU B 249 9.74 6.21 39.64
C GLU B 249 10.89 7.02 39.01
N LYS B 250 10.73 8.30 38.75
CA LYS B 250 9.52 8.93 38.34
C LYS B 250 9.93 9.42 36.98
N GLU B 251 10.43 8.51 36.17
CA GLU B 251 10.77 8.79 34.81
C GLU B 251 9.53 8.53 33.97
N ILE B 252 9.46 9.11 32.79
CA ILE B 252 8.33 8.80 31.83
C ILE B 252 8.58 7.51 31.02
N ILE B 253 7.69 6.54 31.15
CA ILE B 253 7.73 5.34 30.33
C ILE B 253 6.48 5.18 29.46
N HIS B 254 6.56 4.38 28.39
CA HIS B 254 5.41 3.96 27.59
C HIS B 254 5.19 2.44 27.60
N VAL B 255 3.97 2.01 27.91
CA VAL B 255 3.53 0.64 27.96
C VAL B 255 2.13 0.59 27.32
N SER B 256 1.76 -0.51 26.71
CA SER B 256 0.48 -0.55 26.02
C SER B 256 -0.61 -1.05 26.92
N ALA B 257 -1.75 -0.37 26.87
CA ALA B 257 -3.02 -0.84 27.39
C ALA B 257 -4.13 -0.30 26.46
N PRO B 258 -5.31 -0.91 26.49
CA PRO B 258 -6.44 -0.39 25.74
C PRO B 258 -6.75 1.06 26.13
N THR B 259 -6.75 1.94 25.12
CA THR B 259 -6.82 3.32 25.39
C THR B 259 -7.85 3.96 24.47
N VAL B 260 -8.67 4.88 25.01
CA VAL B 260 -9.65 5.59 24.16
C VAL B 260 -8.88 6.62 23.28
N VAL B 261 -9.02 6.49 21.98
CA VAL B 261 -8.31 7.34 21.02
C VAL B 261 -9.29 8.17 20.22
N GLY B 262 -9.22 9.44 20.44
CA GLY B 262 -10.02 10.37 19.68
C GLY B 262 -9.23 11.61 19.49
N SER B 263 -9.95 12.70 19.34
CA SER B 263 -9.34 14.00 19.19
C SER B 263 -8.53 14.26 20.46
N SER B 264 -8.95 13.66 21.58
CA SER B 264 -8.16 13.65 22.77
C SER B 264 -7.81 12.18 23.06
N ILE B 265 -6.73 11.92 23.77
CA ILE B 265 -6.33 10.57 24.12
C ILE B 265 -6.21 10.65 25.60
N GLY B 266 -6.80 9.84 26.46
CA GLY B 266 -7.40 8.59 26.36
C GLY B 266 -8.68 8.76 27.17
N PRO B 267 -8.87 8.25 28.37
CA PRO B 267 -7.98 7.47 29.19
C PRO B 267 -7.64 6.06 28.75
N SER B 268 -6.63 5.49 29.41
CA SER B 268 -6.38 4.07 29.31
C SER B 268 -7.22 3.27 30.28
N LEU B 269 -7.46 2.01 29.92
CA LEU B 269 -8.45 1.21 30.55
C LEU B 269 -7.84 0.11 31.36
N GLU B 270 -6.56 0.21 31.75
CA GLU B 270 -5.94 -0.85 32.60
C GLU B 270 -6.70 -1.15 33.90
N SER B 271 -7.26 -0.13 34.53
CA SER B 271 -8.03 -0.35 35.76
C SER B 271 -9.24 -1.25 35.60
N LEU B 272 -9.70 -1.52 34.38
CA LEU B 272 -10.93 -2.31 34.17
C LEU B 272 -10.65 -3.75 33.78
N LEU B 273 -9.40 -4.13 33.70
CA LEU B 273 -9.10 -5.49 33.35
C LEU B 273 -9.18 -6.38 34.58
N ASP B 274 -9.19 -7.70 34.39
CA ASP B 274 -9.15 -8.64 35.53
C ASP B 274 -7.78 -8.57 36.21
N GLU B 275 -7.67 -9.33 37.30
CA GLU B 275 -6.49 -9.34 38.17
C GLU B 275 -5.25 -9.85 37.45
N LYS B 276 -5.38 -10.98 36.78
CA LYS B 276 -4.26 -11.56 36.08
C LYS B 276 -3.67 -10.50 35.11
N ASP B 277 -4.50 -9.83 34.31
CA ASP B 277 -3.98 -8.84 33.33
C ASP B 277 -3.46 -7.60 33.99
N ARG B 278 -4.04 -7.14 35.09
CA ARG B 278 -3.48 -5.95 35.76
C ARG B 278 -2.06 -6.27 36.29
N TRP B 279 -1.92 -7.48 36.83
CA TRP B 279 -0.65 -8.03 37.25
C TRP B 279 0.40 -8.05 36.10
N HIS B 280 0.06 -8.67 34.96
CA HIS B 280 0.94 -8.71 33.76
C HIS B 280 1.33 -7.31 33.34
N LEU B 281 0.41 -6.36 33.43
CA LEU B 281 0.71 -4.97 33.08
C LEU B 281 1.67 -4.30 34.06
N ASN B 282 1.46 -4.52 35.35
CA ASN B 282 2.40 -4.04 36.36
C ASN B 282 3.79 -4.61 36.11
N SER B 283 3.88 -5.92 35.96
CA SER B 283 5.14 -6.57 35.62
C SER B 283 5.87 -5.93 34.39
N ALA B 284 5.10 -5.73 33.30
CA ALA B 284 5.58 -5.06 32.10
C ALA B 284 6.20 -3.68 32.38
N MET B 285 5.57 -2.92 33.26
CA MET B 285 6.11 -1.63 33.67
C MET B 285 7.49 -1.76 34.35
N LYS B 286 7.58 -2.66 35.34
CA LYS B 286 8.85 -2.97 36.07
C LYS B 286 9.99 -3.35 35.12
N ASP B 287 9.73 -4.28 34.22
CA ASP B 287 10.71 -4.76 33.25
C ASP B 287 11.10 -3.69 32.25
N PHE B 288 10.12 -2.92 31.75
CA PHE B 288 10.41 -1.81 30.80
C PHE B 288 11.32 -0.78 31.47
N TYR B 289 10.95 -0.42 32.68
CA TYR B 289 11.73 0.54 33.46
C TYR B 289 13.21 0.11 33.58
N GLU B 290 13.40 -1.12 34.03
CA GLU B 290 14.71 -1.67 34.19
C GLU B 290 15.48 -1.56 32.87
N ALA B 291 14.92 -2.14 31.81
CA ALA B 291 15.63 -2.21 30.53
C ALA B 291 15.90 -0.80 29.94
N TYR B 292 14.89 0.05 29.99
CA TYR B 292 14.96 1.40 29.40
C TYR B 292 16.00 2.18 30.21
N LYS B 293 15.92 2.14 31.53
CA LYS B 293 16.89 2.87 32.35
C LYS B 293 18.39 2.49 31.98
N GLU B 294 18.65 1.18 31.99
CA GLU B 294 19.95 0.65 31.55
C GLU B 294 20.41 1.15 30.19
N ASN B 295 19.53 1.08 29.20
CA ASN B 295 19.85 1.56 27.85
C ASN B 295 20.10 3.06 27.79
N LEU B 296 19.39 3.79 28.61
CA LEU B 296 19.59 5.23 28.76
C LEU B 296 20.99 5.54 29.29
N LYS B 297 21.45 4.75 30.29
CA LYS B 297 22.80 4.91 30.85
C LYS B 297 23.85 4.65 29.80
N GLN B 298 23.74 3.47 29.17
CA GLN B 298 24.63 3.11 28.07
C GLN B 298 24.76 4.25 27.05
N LEU B 299 23.65 4.59 26.41
CA LEU B 299 23.60 5.66 25.44
C LEU B 299 24.35 6.93 25.92
N GLU B 300 24.09 7.30 27.16
CA GLU B 300 24.71 8.46 27.80
C GLU B 300 26.24 8.46 27.87
N GLN B 301 26.92 7.35 27.58
CA GLN B 301 28.31 7.42 27.06
C GLN B 301 28.35 7.92 25.60
N ALA B 302 27.80 9.12 25.42
CA ALA B 302 27.85 9.91 24.22
C ALA B 302 29.05 10.80 24.55
N THR B 303 30.25 10.20 24.53
CA THR B 303 31.48 10.71 25.19
C THR B 303 32.06 12.00 24.59
N LYS B 304 32.08 13.08 25.42
CA LYS B 304 32.96 14.26 25.25
C LYS B 304 32.43 15.23 24.19
PA NAD C . 8.92 -7.47 -8.96
O1A NAD C . 10.17 -8.00 -9.51
O2A NAD C . 8.94 -6.95 -7.58
O5B NAD C . 7.79 -8.54 -9.08
C5B NAD C . 7.83 -9.63 -9.96
C4B NAD C . 7.30 -10.84 -9.22
O4B NAD C . 6.81 -11.81 -10.11
C3B NAD C . 8.37 -11.55 -8.41
O3B NAD C . 7.84 -11.73 -7.13
C2B NAD C . 8.55 -12.89 -9.09
O2B NAD C . 8.83 -13.94 -8.19
C1B NAD C . 7.20 -13.08 -9.67
N9A NAD C . 7.32 -13.96 -10.84
C8A NAD C . 8.26 -13.97 -11.78
N7A NAD C . 8.02 -14.93 -12.68
C5A NAD C . 6.90 -15.54 -12.30
C6A NAD C . 6.06 -16.64 -12.78
N6A NAD C . 6.34 -17.33 -13.88
N1A NAD C . 4.99 -16.95 -12.09
C2A NAD C . 4.67 -16.29 -10.99
N3A NAD C . 5.37 -15.29 -10.48
C4A NAD C . 6.46 -14.89 -11.09
O3 NAD C . 8.52 -6.33 -9.96
PN NAD C . 7.21 -5.46 -9.97
O1N NAD C . 7.60 -4.08 -9.68
O2N NAD C . 6.15 -6.13 -9.20
O5D NAD C . 6.79 -5.47 -11.48
C5D NAD C . 6.19 -6.59 -12.06
C4D NAD C . 5.95 -6.38 -13.55
O4D NAD C . 4.88 -5.48 -13.79
C3D NAD C . 7.16 -5.78 -14.20
O3D NAD C . 7.23 -6.33 -15.49
C2D NAD C . 6.80 -4.34 -14.32
O2D NAD C . 7.46 -3.76 -15.43
C1D NAD C . 5.31 -4.36 -14.53
N1N NAD C . 4.66 -3.12 -14.09
C2N NAD C . 3.70 -2.61 -14.82
C3N NAD C . 3.07 -1.44 -14.46
C7N NAD C . 1.97 -0.88 -15.28
O7N NAD C . 1.36 -1.57 -16.01
N7N NAD C . 1.70 0.40 -15.17
C4N NAD C . 3.46 -0.77 -13.34
C5N NAD C . 4.48 -1.32 -12.60
C6N NAD C . 5.07 -2.48 -13.00
C2 ETX D . -12.01 -12.47 8.02
O2 ETX D . -12.12 -13.67 8.79
C3 ETX D . -11.72 -14.87 8.03
C4 ETX D . -10.90 -15.81 8.91
O1 ETX D . -10.23 -10.95 7.26
C1 ETX D . -10.57 -11.99 8.12
PA NAD E . 13.37 1.85 5.90
O1A NAD E . 14.83 1.45 5.96
O2A NAD E . 12.54 1.57 4.64
O5B NAD E . 13.11 3.43 5.98
C5B NAD E . 13.53 4.28 7.03
C4B NAD E . 13.61 5.65 6.38
O4B NAD E . 13.99 6.53 7.41
C3B NAD E . 14.63 5.77 5.25
O3B NAD E . 14.00 6.23 4.05
C2B NAD E . 15.63 6.76 5.82
O2B NAD E . 16.11 7.75 4.92
C1B NAD E . 14.86 7.49 6.86
N9A NAD E . 15.69 8.09 7.94
C8A NAD E . 16.67 7.55 8.66
N7A NAD E . 17.13 8.44 9.56
C5A NAD E . 16.42 9.58 9.42
C6A NAD E . 16.37 10.93 10.04
N6A NAD E . 17.19 11.27 11.02
N1A NAD E . 15.45 11.81 9.60
C2A NAD E . 14.59 11.49 8.62
N3A NAD E . 14.59 10.29 8.01
C4A NAD E . 15.47 9.32 8.36
O3 NAD E . 12.71 1.13 7.24
PN NAD E . 11.11 0.91 7.44
O1N NAD E . 10.62 -0.33 6.77
O2N NAD E . 10.33 2.06 6.90
O5D NAD E . 11.04 0.77 9.08
C5D NAD E . 11.33 2.01 9.71
C4D NAD E . 11.31 1.88 11.21
O4D NAD E . 9.99 1.58 11.57
C3D NAD E . 12.15 0.75 11.71
O3D NAD E . 12.67 1.15 12.94
C2D NAD E . 11.21 -0.42 11.91
O2D NAD E . 11.60 -1.50 12.84
C1D NAD E . 9.95 0.35 12.32
N1N NAD E . 8.69 -0.32 12.00
C2N NAD E . 7.75 -0.35 12.99
C3N NAD E . 6.50 -0.97 12.79
C7N NAD E . 5.52 -0.92 13.92
O7N NAD E . 5.67 -0.08 14.84
N7N NAD E . 4.52 -1.80 13.93
C4N NAD E . 6.23 -1.56 11.56
C5N NAD E . 7.21 -1.51 10.54
C6N NAD E . 8.43 -0.87 10.77
C2 ETX F . -12.93 -4.28 25.32
O2 ETX F . -11.82 -3.62 26.01
C3 ETX F . -11.82 -3.82 27.46
C4 ETX F . -10.82 -3.06 28.27
O1 ETX F . -13.41 -6.70 24.63
C1 ETX F . -12.60 -5.47 24.43
#